data_5OTN
#
_entry.id   5OTN
#
_cell.length_a   44.528
_cell.length_b   55.379
_cell.length_c   65.920
_cell.angle_alpha   90.00
_cell.angle_beta   90.00
_cell.angle_gamma   90.00
#
_symmetry.space_group_name_H-M   'P 21 21 21'
#
loop_
_entity.id
_entity.type
_entity.pdbx_description
1 polymer 'Nudix (Nucleoside diphosphate linked moiety X)-type motif 1'
2 non-polymer "6-O-METHYL GUANOSINE-5'-MONOPHOSPHATE"
3 non-polymer GLYCEROL
4 non-polymer 'CALCIUM ION'
5 non-polymer 1,2-ETHANEDIOL
6 non-polymer 'CHLORIDE ION'
7 water water
#
_entity_poly.entity_id   1
_entity_poly.type   'polypeptide(L)'
_entity_poly.pdbx_seq_one_letter_code
;GSHMFTSKLLTLVLVVQPGRVLLGMKKRGFGAGKWNGFGGKVQTGETIEQAARRELLEESGLTVDTLHKIGNIKFEFIGE
TELMDVHIFRADNYEGEPAESDEMRPQWFDIDKIPFSQMWADDILWFPLMLQKKRFLGYFKFQGHDVIVEHKLDEVEDL
;
_entity_poly.pdbx_strand_id   A
#
loop_
_chem_comp.id
_chem_comp.type
_chem_comp.name
_chem_comp.formula
6OG DNA linking '6-O-METHYL GUANOSINE-5'-MONOPHOSPHATE' 'C11 H16 N5 O7 P'
CA non-polymer 'CALCIUM ION' 'Ca 2'
CL non-polymer 'CHLORIDE ION' 'Cl -1'
EDO non-polymer 1,2-ETHANEDIOL 'C2 H6 O2'
GOL non-polymer GLYCEROL 'C3 H8 O3'
#
# COMPACT_ATOMS: atom_id res chain seq x y z
N MET A 4 2.08 -21.73 5.32
CA MET A 4 0.87 -20.96 4.91
C MET A 4 -0.18 -21.91 4.31
N PHE A 5 -1.37 -21.95 4.92
CA PHE A 5 -2.46 -22.81 4.50
C PHE A 5 -3.53 -22.07 3.71
N THR A 6 -3.75 -20.78 4.04
CA THR A 6 -4.82 -19.99 3.43
C THR A 6 -4.29 -18.61 2.99
N SER A 7 -5.13 -17.85 2.28
N SER A 7 -5.15 -17.82 2.35
CA SER A 7 -4.77 -16.50 1.83
CA SER A 7 -4.76 -16.52 1.81
C SER A 7 -5.87 -15.49 2.10
C SER A 7 -5.87 -15.47 1.96
N LYS A 8 -5.45 -14.23 2.25
CA LYS A 8 -6.36 -13.06 2.35
C LYS A 8 -5.90 -11.99 1.35
N LEU A 9 -6.79 -11.58 0.44
CA LEU A 9 -6.51 -10.48 -0.50
C LEU A 9 -6.57 -9.11 0.23
N LEU A 10 -5.60 -8.24 -0.07
CA LEU A 10 -5.59 -6.86 0.42
C LEU A 10 -5.18 -5.92 -0.71
N THR A 11 -5.57 -4.64 -0.57
CA THR A 11 -5.26 -3.59 -1.55
C THR A 11 -4.43 -2.47 -0.92
N LEU A 12 -3.71 -1.72 -1.78
CA LEU A 12 -2.94 -0.54 -1.33
C LEU A 12 -2.87 0.44 -2.49
N VAL A 13 -3.24 1.71 -2.25
CA VAL A 13 -3.32 2.74 -3.31
C VAL A 13 -2.41 3.94 -2.94
N LEU A 14 -1.50 4.26 -3.87
N LEU A 14 -1.52 4.29 -3.88
CA LEU A 14 -0.61 5.43 -3.76
CA LEU A 14 -0.59 5.43 -3.78
C LEU A 14 -0.99 6.45 -4.83
C LEU A 14 -0.89 6.49 -4.83
N VAL A 15 -1.39 7.65 -4.38
CA VAL A 15 -1.66 8.82 -5.24
C VAL A 15 -0.39 9.69 -5.25
N VAL A 16 0.08 10.01 -6.45
CA VAL A 16 1.29 10.83 -6.62
C VAL A 16 1.01 12.06 -7.48
N GLN A 17 1.85 13.10 -7.27
CA GLN A 17 1.97 14.27 -8.12
C GLN A 17 3.48 14.52 -8.33
N PRO A 18 3.86 15.40 -9.25
CA PRO A 18 5.32 15.61 -9.45
C PRO A 18 6.03 16.03 -8.16
N GLY A 19 6.98 15.20 -7.71
CA GLY A 19 7.70 15.49 -6.49
C GLY A 19 7.04 15.17 -5.15
N ARG A 20 5.85 14.56 -5.12
N ARG A 20 5.83 14.57 -5.17
CA ARG A 20 5.21 14.28 -3.82
CA ARG A 20 5.04 14.38 -3.94
C ARG A 20 4.26 13.09 -3.86
C ARG A 20 4.29 13.04 -3.94
N VAL A 21 4.08 12.48 -2.70
N VAL A 21 4.06 12.52 -2.73
CA VAL A 21 3.20 11.31 -2.54
CA VAL A 21 3.25 11.29 -2.51
C VAL A 21 2.23 11.54 -1.38
C VAL A 21 2.22 11.61 -1.41
N LEU A 22 0.98 11.13 -1.58
CA LEU A 22 -0.06 11.22 -0.54
C LEU A 22 -0.03 9.97 0.35
N LEU A 23 0.18 10.15 1.65
CA LEU A 23 0.11 9.06 2.62
C LEU A 23 -0.98 9.42 3.64
N GLY A 24 -1.35 8.47 4.47
CA GLY A 24 -2.24 8.73 5.61
C GLY A 24 -1.70 8.09 6.88
N MET A 25 -1.91 8.76 8.02
CA MET A 25 -1.58 8.16 9.32
C MET A 25 -2.72 7.23 9.71
N LYS A 26 -2.41 5.95 9.93
CA LYS A 26 -3.42 4.94 10.34
C LYS A 26 -3.74 5.14 11.84
N LYS A 27 -4.99 5.50 12.13
CA LYS A 27 -5.41 5.92 13.47
C LYS A 27 -5.96 4.77 14.34
N ARG A 28 -6.24 3.62 13.73
CA ARG A 28 -6.81 2.45 14.44
C ARG A 28 -6.43 1.19 13.65
N GLY A 29 -6.55 0.04 14.30
CA GLY A 29 -6.47 -1.23 13.58
C GLY A 29 -5.08 -1.66 13.13
N PHE A 30 -5.05 -2.39 12.01
CA PHE A 30 -3.85 -3.11 11.58
C PHE A 30 -2.83 -2.11 11.03
N GLY A 31 -1.63 -2.09 11.63
CA GLY A 31 -0.63 -1.09 11.25
C GLY A 31 -0.90 0.32 11.80
N ALA A 32 -1.70 0.43 12.87
CA ALA A 32 -1.94 1.74 13.49
C ALA A 32 -0.60 2.37 13.91
N GLY A 33 -0.51 3.68 13.73
CA GLY A 33 0.72 4.42 14.05
C GLY A 33 1.73 4.51 12.92
N LYS A 34 1.49 3.82 11.80
N LYS A 34 1.50 3.81 11.80
CA LYS A 34 2.32 3.89 10.61
CA LYS A 34 2.35 3.87 10.62
C LYS A 34 1.64 4.72 9.52
C LYS A 34 1.68 4.64 9.47
N TRP A 35 2.43 5.57 8.85
CA TRP A 35 2.00 6.20 7.59
C TRP A 35 1.91 5.12 6.50
N ASN A 36 0.93 5.25 5.61
CA ASN A 36 0.75 4.24 4.54
C ASN A 36 -0.13 4.82 3.43
N GLY A 37 -0.19 4.07 2.30
CA GLY A 37 -1.29 4.30 1.35
C GLY A 37 -2.64 3.82 1.91
N PHE A 38 -3.68 3.90 1.06
CA PHE A 38 -5.07 3.62 1.47
C PHE A 38 -5.48 2.22 0.97
N GLY A 39 -6.33 1.49 1.69
CA GLY A 39 -6.74 0.18 1.18
C GLY A 39 -7.31 -0.73 2.27
N GLY A 40 -7.63 -1.96 1.86
CA GLY A 40 -8.37 -2.88 2.74
C GLY A 40 -8.59 -4.24 2.07
N LYS A 41 -9.66 -4.91 2.50
CA LYS A 41 -10.03 -6.25 1.98
C LYS A 41 -10.89 -6.16 0.72
N VAL A 42 -11.13 -7.32 0.11
CA VAL A 42 -11.94 -7.46 -1.13
C VAL A 42 -13.19 -8.28 -0.73
N GLN A 43 -14.38 -7.68 -0.76
CA GLN A 43 -15.60 -8.43 -0.41
C GLN A 43 -15.97 -9.40 -1.54
N THR A 44 -16.65 -10.49 -1.21
CA THR A 44 -17.16 -11.37 -2.26
C THR A 44 -18.13 -10.61 -3.19
N GLY A 45 -17.87 -10.66 -4.50
CA GLY A 45 -18.62 -9.91 -5.49
C GLY A 45 -17.93 -8.65 -6.00
N GLU A 46 -16.82 -8.25 -5.34
CA GLU A 46 -15.98 -7.16 -5.83
C GLU A 46 -14.79 -7.69 -6.62
N THR A 47 -14.34 -6.95 -7.64
CA THR A 47 -12.99 -7.15 -8.18
C THR A 47 -11.95 -6.50 -7.22
N ILE A 48 -10.68 -6.88 -7.38
CA ILE A 48 -9.60 -6.28 -6.59
C ILE A 48 -9.54 -4.75 -6.81
N GLU A 49 -9.62 -4.33 -8.08
CA GLU A 49 -9.57 -2.89 -8.40
C GLU A 49 -10.78 -2.13 -7.81
N GLN A 50 -11.98 -2.71 -7.89
CA GLN A 50 -13.18 -2.10 -7.30
C GLN A 50 -13.00 -1.89 -5.79
N ALA A 51 -12.48 -2.92 -5.11
CA ALA A 51 -12.23 -2.84 -3.66
C ALA A 51 -11.18 -1.75 -3.32
N ALA A 52 -10.12 -1.66 -4.13
CA ALA A 52 -9.09 -0.61 -3.93
C ALA A 52 -9.70 0.80 -4.03
N ARG A 53 -10.53 1.00 -5.06
CA ARG A 53 -11.20 2.28 -5.28
C ARG A 53 -12.15 2.61 -4.10
N ARG A 54 -12.89 1.59 -3.62
N ARG A 54 -12.89 1.59 -3.62
CA ARG A 54 -13.81 1.82 -2.48
CA ARG A 54 -13.80 1.79 -2.48
C ARG A 54 -13.07 2.33 -1.24
C ARG A 54 -13.07 2.32 -1.24
N GLU A 55 -11.96 1.67 -0.88
CA GLU A 55 -11.26 2.03 0.35
C GLU A 55 -10.52 3.37 0.19
N LEU A 56 -10.01 3.71 -1.01
CA LEU A 56 -9.47 5.06 -1.23
C LEU A 56 -10.53 6.12 -0.90
N LEU A 57 -11.75 5.93 -1.40
CA LEU A 57 -12.84 6.91 -1.16
C LEU A 57 -13.20 6.97 0.34
N GLU A 58 -13.37 5.81 0.98
CA GLU A 58 -13.81 5.79 2.38
C GLU A 58 -12.76 6.39 3.32
N GLU A 59 -11.48 6.28 2.99
CA GLU A 59 -10.40 6.63 3.93
C GLU A 59 -9.77 8.02 3.68
N SER A 60 -9.80 8.48 2.42
CA SER A 60 -9.20 9.78 2.04
C SER A 60 -10.17 10.80 1.46
N GLY A 61 -11.37 10.36 1.02
CA GLY A 61 -12.31 11.21 0.31
C GLY A 61 -12.09 11.32 -1.21
N LEU A 62 -11.02 10.72 -1.73
CA LEU A 62 -10.65 10.85 -3.14
C LEU A 62 -11.22 9.72 -4.03
N THR A 63 -11.41 10.07 -5.31
CA THR A 63 -11.59 9.08 -6.37
C THR A 63 -10.56 9.33 -7.48
N VAL A 64 -10.46 8.39 -8.42
CA VAL A 64 -9.54 8.51 -9.55
C VAL A 64 -10.22 8.02 -10.83
N ASP A 65 -9.70 8.50 -11.97
CA ASP A 65 -10.11 7.98 -13.28
C ASP A 65 -9.16 6.82 -13.66
N THR A 66 -8.01 7.09 -14.26
CA THR A 66 -7.03 6.03 -14.55
C THR A 66 -6.32 5.55 -13.28
N LEU A 67 -6.31 4.23 -13.07
CA LEU A 67 -5.60 3.60 -11.95
C LEU A 67 -4.70 2.49 -12.49
N HIS A 68 -3.39 2.53 -12.20
CA HIS A 68 -2.43 1.56 -12.71
C HIS A 68 -2.09 0.48 -11.67
N LYS A 69 -2.17 -0.79 -12.07
N LYS A 69 -2.17 -0.80 -12.04
CA LYS A 69 -1.66 -1.82 -11.19
CA LYS A 69 -1.73 -1.91 -11.17
C LYS A 69 -0.14 -1.86 -11.31
C LYS A 69 -0.18 -2.05 -11.28
N ILE A 70 0.55 -1.79 -10.17
CA ILE A 70 2.02 -1.69 -10.18
C ILE A 70 2.72 -2.80 -9.41
N GLY A 71 2.08 -3.45 -8.42
CA GLY A 71 2.82 -4.40 -7.58
C GLY A 71 1.96 -5.48 -7.00
N ASN A 72 2.62 -6.59 -6.65
CA ASN A 72 1.99 -7.65 -5.84
C ASN A 72 3.06 -8.13 -4.86
N ILE A 73 2.79 -7.97 -3.56
CA ILE A 73 3.73 -8.39 -2.52
C ILE A 73 2.98 -9.32 -1.55
N LYS A 74 3.57 -10.50 -1.32
CA LYS A 74 3.05 -11.50 -0.37
C LYS A 74 3.77 -11.34 0.99
N PHE A 75 3.01 -11.36 2.09
CA PHE A 75 3.57 -11.26 3.44
C PHE A 75 3.22 -12.49 4.28
N GLU A 76 4.27 -13.07 4.89
CA GLU A 76 4.15 -14.20 5.82
C GLU A 76 4.63 -13.73 7.19
N PHE A 77 3.79 -13.83 8.22
CA PHE A 77 4.18 -13.52 9.59
C PHE A 77 4.43 -14.84 10.34
N ILE A 78 5.60 -14.96 10.99
CA ILE A 78 5.92 -16.16 11.79
C ILE A 78 4.82 -16.35 12.86
N GLY A 79 4.29 -17.57 12.96
CA GLY A 79 3.20 -17.89 13.88
C GLY A 79 1.81 -17.88 13.28
N GLU A 80 1.66 -17.34 12.08
CA GLU A 80 0.37 -17.27 11.39
C GLU A 80 0.34 -18.33 10.30
N THR A 81 -0.86 -18.81 9.96
CA THR A 81 -1.04 -19.71 8.82
C THR A 81 -1.76 -19.08 7.62
N GLU A 82 -2.16 -17.82 7.73
N GLU A 82 -2.18 -17.83 7.71
CA GLU A 82 -2.81 -17.04 6.67
CA GLU A 82 -2.79 -17.15 6.57
C GLU A 82 -1.78 -16.14 5.99
C GLU A 82 -1.85 -16.12 5.97
N LEU A 83 -1.60 -16.29 4.67
CA LEU A 83 -0.78 -15.37 3.86
C LEU A 83 -1.57 -14.08 3.59
N MET A 84 -0.89 -12.93 3.61
CA MET A 84 -1.47 -11.67 3.16
C MET A 84 -0.99 -11.37 1.73
N ASP A 85 -1.92 -11.29 0.77
CA ASP A 85 -1.60 -11.12 -0.65
C ASP A 85 -1.98 -9.67 -1.05
N VAL A 86 -0.99 -8.75 -1.08
CA VAL A 86 -1.24 -7.32 -1.23
C VAL A 86 -1.07 -6.88 -2.69
N HIS A 87 -2.13 -6.25 -3.23
CA HIS A 87 -2.18 -5.76 -4.63
C HIS A 87 -2.08 -4.22 -4.58
N ILE A 88 -1.04 -3.68 -5.24
CA ILE A 88 -0.62 -2.28 -5.10
C ILE A 88 -0.89 -1.53 -6.42
N PHE A 89 -1.52 -0.33 -6.28
CA PHE A 89 -1.94 0.52 -7.41
C PHE A 89 -1.37 1.93 -7.25
N ARG A 90 -1.11 2.58 -8.39
CA ARG A 90 -0.65 3.98 -8.45
C ARG A 90 -1.64 4.82 -9.27
N ALA A 91 -1.96 6.02 -8.77
CA ALA A 91 -2.70 7.03 -9.53
C ALA A 91 -1.83 8.28 -9.69
N ASP A 92 -1.77 8.82 -10.92
CA ASP A 92 -1.00 10.01 -11.24
C ASP A 92 -1.84 11.30 -11.19
N ASN A 93 -3.17 11.13 -11.08
N ASN A 93 -3.12 11.19 -10.85
CA ASN A 93 -4.14 12.24 -10.97
CA ASN A 93 -3.96 12.38 -10.65
C ASN A 93 -5.31 11.79 -10.07
C ASN A 93 -5.15 11.86 -9.83
N TYR A 94 -6.08 12.75 -9.54
CA TYR A 94 -7.14 12.45 -8.57
C TYR A 94 -8.32 13.42 -8.76
N GLU A 95 -9.42 13.08 -8.08
CA GLU A 95 -10.68 13.81 -8.11
C GLU A 95 -11.14 14.06 -6.66
N GLY A 96 -11.60 15.28 -6.40
CA GLY A 96 -11.89 15.72 -5.04
C GLY A 96 -10.63 16.25 -4.36
N GLU A 97 -10.78 16.54 -3.07
CA GLU A 97 -9.68 17.03 -2.24
C GLU A 97 -9.58 16.09 -1.01
N PRO A 98 -8.34 15.77 -0.55
CA PRO A 98 -8.21 14.82 0.56
C PRO A 98 -8.75 15.38 1.87
N ALA A 99 -9.32 14.49 2.69
CA ALA A 99 -9.92 14.89 3.99
C ALA A 99 -9.71 13.79 5.00
N GLU A 100 -9.57 14.18 6.26
CA GLU A 100 -9.39 13.22 7.36
C GLU A 100 -10.68 12.41 7.61
N SER A 101 -10.50 11.09 7.77
CA SER A 101 -11.55 10.14 8.17
C SER A 101 -11.29 9.67 9.61
N ASP A 102 -12.23 8.93 10.21
CA ASP A 102 -11.94 8.31 11.53
C ASP A 102 -10.74 7.35 11.43
N GLU A 103 -10.55 6.70 10.26
CA GLU A 103 -9.50 5.70 10.11
C GLU A 103 -8.12 6.27 9.76
N MET A 104 -8.08 7.30 8.89
N MET A 104 -8.05 7.31 8.90
CA MET A 104 -6.84 7.83 8.29
CA MET A 104 -6.74 7.81 8.43
C MET A 104 -6.77 9.37 8.34
C MET A 104 -6.74 9.33 8.26
N ARG A 105 -5.56 9.92 8.54
CA ARG A 105 -5.32 11.37 8.33
C ARG A 105 -4.37 11.56 7.12
N PRO A 106 -4.90 11.96 5.93
CA PRO A 106 -4.01 12.18 4.77
C PRO A 106 -3.05 13.37 4.95
N GLN A 107 -1.85 13.25 4.37
N GLN A 107 -1.84 13.24 4.40
CA GLN A 107 -0.83 14.32 4.33
CA GLN A 107 -0.86 14.34 4.29
C GLN A 107 0.05 14.12 3.09
C GLN A 107 -0.02 14.11 3.05
N TRP A 108 0.30 15.19 2.33
CA TRP A 108 1.29 15.13 1.22
C TRP A 108 2.73 15.21 1.77
N PHE A 109 3.62 14.40 1.19
CA PHE A 109 5.06 14.45 1.49
C PHE A 109 5.88 14.66 0.24
N ASP A 110 6.78 15.66 0.27
CA ASP A 110 7.84 15.75 -0.74
C ASP A 110 8.72 14.48 -0.68
N ILE A 111 9.35 14.13 -1.81
CA ILE A 111 10.17 12.89 -1.87
C ILE A 111 11.23 12.84 -0.76
N ASP A 112 11.90 13.97 -0.50
CA ASP A 112 12.96 14.00 0.54
C ASP A 112 12.46 13.97 1.98
N LYS A 113 11.12 13.95 2.17
CA LYS A 113 10.51 13.97 3.50
C LYS A 113 9.66 12.73 3.78
N ILE A 114 9.70 11.72 2.90
CA ILE A 114 8.86 10.52 3.13
C ILE A 114 9.32 9.86 4.44
N PRO A 115 8.37 9.60 5.37
CA PRO A 115 8.79 9.22 6.75
C PRO A 115 8.98 7.71 6.93
N PHE A 116 10.00 7.14 6.25
CA PHE A 116 10.15 5.67 6.22
C PHE A 116 10.35 5.02 7.60
N SER A 117 10.97 5.73 8.55
CA SER A 117 11.12 5.16 9.91
C SER A 117 9.79 5.01 10.67
N GLN A 118 8.73 5.66 10.18
CA GLN A 118 7.38 5.57 10.74
C GLN A 118 6.41 4.92 9.74
N MET A 119 6.94 4.01 8.90
CA MET A 119 6.18 3.22 7.90
C MET A 119 6.51 1.74 8.12
N TRP A 120 5.75 0.84 7.49
CA TRP A 120 6.15 -0.57 7.48
C TRP A 120 7.58 -0.71 6.90
N ALA A 121 8.32 -1.70 7.42
CA ALA A 121 9.74 -1.86 7.07
C ALA A 121 9.99 -2.16 5.58
N ASP A 122 9.02 -2.77 4.88
CA ASP A 122 9.20 -3.08 3.46
C ASP A 122 9.23 -1.86 2.53
N ASP A 123 8.53 -0.78 2.93
CA ASP A 123 8.19 0.29 1.99
C ASP A 123 9.43 0.94 1.35
N ILE A 124 10.48 1.20 2.14
CA ILE A 124 11.66 1.89 1.62
C ILE A 124 12.32 1.11 0.46
N LEU A 125 12.13 -0.23 0.43
CA LEU A 125 12.77 -1.07 -0.57
C LEU A 125 12.04 -1.05 -1.94
N TRP A 126 10.71 -0.87 -1.95
CA TRP A 126 9.99 -0.83 -3.23
C TRP A 126 9.53 0.57 -3.65
N PHE A 127 9.52 1.56 -2.74
CA PHE A 127 9.18 2.94 -3.16
C PHE A 127 10.04 3.46 -4.34
N PRO A 128 11.37 3.18 -4.39
CA PRO A 128 12.14 3.72 -5.54
C PRO A 128 11.64 3.16 -6.87
N LEU A 129 11.19 1.89 -6.89
CA LEU A 129 10.59 1.29 -8.10
C LEU A 129 9.27 1.98 -8.45
N MET A 130 8.44 2.20 -7.42
N MET A 130 8.43 2.21 -7.44
CA MET A 130 7.16 2.88 -7.62
CA MET A 130 7.17 2.90 -7.70
C MET A 130 7.36 4.29 -8.25
C MET A 130 7.40 4.28 -8.31
N LEU A 131 8.35 5.05 -7.75
CA LEU A 131 8.57 6.43 -8.24
C LEU A 131 9.09 6.49 -9.68
N GLN A 132 9.77 5.43 -10.13
CA GLN A 132 10.23 5.28 -11.53
C GLN A 132 9.11 4.75 -12.46
N LYS A 133 7.87 4.60 -11.96
CA LYS A 133 6.76 4.06 -12.76
C LYS A 133 7.02 2.62 -13.24
N LYS A 134 7.74 1.86 -12.42
CA LYS A 134 7.99 0.44 -12.67
C LYS A 134 6.89 -0.45 -12.02
N ARG A 135 6.88 -1.71 -12.47
CA ARG A 135 6.06 -2.80 -11.89
C ARG A 135 6.95 -3.81 -11.18
N PHE A 136 6.43 -4.50 -10.14
CA PHE A 136 7.27 -5.35 -9.31
C PHE A 136 6.47 -6.44 -8.57
N LEU A 137 7.16 -7.57 -8.30
N LEU A 137 7.20 -7.50 -8.17
CA LEU A 137 6.66 -8.68 -7.47
CA LEU A 137 6.67 -8.67 -7.48
C LEU A 137 7.59 -8.86 -6.26
C LEU A 137 7.58 -9.02 -6.30
N GLY A 138 7.02 -9.22 -5.10
CA GLY A 138 7.83 -9.49 -3.92
C GLY A 138 7.22 -10.43 -2.91
N TYR A 139 8.05 -10.77 -1.93
CA TYR A 139 7.69 -11.64 -0.80
C TYR A 139 8.52 -11.19 0.42
N PHE A 140 7.86 -11.04 1.58
CA PHE A 140 8.56 -10.73 2.85
C PHE A 140 8.05 -11.64 3.95
N LYS A 141 9.00 -12.19 4.74
CA LYS A 141 8.69 -12.92 5.96
C LYS A 141 9.08 -12.04 7.15
N PHE A 142 8.11 -11.80 8.04
CA PHE A 142 8.27 -10.93 9.21
C PHE A 142 8.26 -11.74 10.52
N GLN A 143 9.09 -11.29 11.48
CA GLN A 143 9.05 -11.75 12.87
C GLN A 143 8.48 -10.59 13.65
N GLY A 144 7.23 -10.71 14.09
CA GLY A 144 6.49 -9.57 14.61
C GLY A 144 6.28 -8.53 13.53
N HIS A 145 6.00 -7.30 13.93
CA HIS A 145 5.68 -6.24 12.96
C HIS A 145 6.90 -5.42 12.51
N ASP A 146 8.07 -5.58 13.13
N ASP A 146 8.06 -5.61 13.14
CA ASP A 146 9.19 -4.69 12.79
CA ASP A 146 9.25 -4.74 12.95
C ASP A 146 10.53 -5.36 12.45
C ASP A 146 10.45 -5.36 12.23
N VAL A 147 10.56 -6.68 12.21
CA VAL A 147 11.80 -7.37 11.77
C VAL A 147 11.51 -8.18 10.50
N ILE A 148 12.25 -7.90 9.42
CA ILE A 148 12.22 -8.69 8.20
C ILE A 148 13.28 -9.80 8.33
N VAL A 149 12.84 -11.06 8.20
N VAL A 149 12.87 -11.06 8.23
CA VAL A 149 13.71 -12.25 8.31
CA VAL A 149 13.82 -12.17 8.29
C VAL A 149 14.03 -12.92 6.97
C VAL A 149 14.18 -12.69 6.88
N GLU A 150 13.23 -12.66 5.94
CA GLU A 150 13.47 -13.13 4.56
C GLU A 150 12.81 -12.15 3.62
N HIS A 151 13.38 -11.98 2.41
N HIS A 151 13.41 -11.87 2.46
CA HIS A 151 12.96 -10.91 1.50
CA HIS A 151 12.63 -11.31 1.38
C HIS A 151 13.31 -11.24 0.01
C HIS A 151 13.19 -11.54 0.03
N LYS A 152 12.33 -11.21 -0.92
CA LYS A 152 12.56 -11.31 -2.36
C LYS A 152 11.85 -10.12 -3.03
N LEU A 153 12.44 -9.55 -4.08
CA LEU A 153 11.81 -8.45 -4.82
C LEU A 153 12.44 -8.39 -6.22
N ASP A 154 11.59 -8.23 -7.25
CA ASP A 154 12.04 -8.18 -8.65
C ASP A 154 11.20 -7.19 -9.45
N GLU A 155 11.83 -6.36 -10.30
CA GLU A 155 11.11 -5.63 -11.34
C GLU A 155 10.56 -6.64 -12.34
N VAL A 156 9.35 -6.41 -12.83
CA VAL A 156 8.76 -7.21 -13.89
C VAL A 156 8.16 -6.31 -14.97
N GLU A 157 7.92 -6.89 -16.16
CA GLU A 157 7.21 -6.20 -17.25
C GLU A 157 5.68 -6.24 -17.12
N ASP A 158 5.11 -7.35 -16.66
CA ASP A 158 3.65 -7.51 -16.52
C ASP A 158 3.22 -8.19 -15.20
N LEU A 159 1.99 -7.89 -14.76
CA LEU A 159 1.34 -8.46 -13.56
C LEU A 159 -0.03 -9.04 -13.88
P 6OG B . -7.22 -2.67 6.66
OP1 6OG B . -7.12 -1.16 6.81
OP2 6OG B . -8.56 -3.08 6.09
O5' 6OG B . -6.16 -3.17 5.53
N9 6OG B . -0.64 -3.51 4.63
C4 6OG B . 0.70 -3.19 4.45
N3 6OG B . 1.19 -2.11 3.83
C2 6OG B . 2.53 -2.07 3.77
N2 6OG B . 3.09 -0.97 3.15
N1 6OG B . 3.37 -3.02 4.29
C6 6OG B . 2.87 -4.05 4.95
O6 6OG B . 3.78 -4.89 5.50
C5 6OG B . 1.44 -4.21 5.04
N7 6OG B . 0.58 -5.15 5.60
C8 6OG B . -0.65 -4.69 5.33
C2' 6OG B . -2.79 -3.36 3.25
C5' 6OG B . -4.76 -3.26 5.82
C4' 6OG B . -3.95 -2.31 4.99
O4' 6OG B . -2.56 -2.38 5.34
C1' 6OG B . -1.79 -2.71 4.20
C3' 6OG B . -3.99 -2.55 3.46
O3' 6OG B . -3.95 -1.29 2.77
C 6OG B . 3.36 -5.96 6.31
OP3 6OG B . -6.83 -3.38 7.95
C1 GOL C . -4.28 -8.49 8.45
O1 GOL C . -4.08 -9.69 9.20
C2 GOL C . -5.68 -7.93 8.75
O2 GOL C . -6.73 -8.88 8.44
C3 GOL C . -5.94 -6.64 7.99
O3 GOL C . -7.15 -6.00 8.43
C1 GOL D . -12.74 -13.96 -1.10
O1 GOL D . -12.82 -14.23 0.31
C2 GOL D . -12.78 -12.46 -1.36
O2 GOL D . -11.61 -11.78 -0.84
C3 GOL D . -12.92 -12.01 -2.81
O3 GOL D . -13.96 -12.68 -3.53
C1 GOL E . 15.06 2.94 -9.02
O1 GOL E . 14.68 1.57 -9.24
C2 GOL E . 16.57 3.09 -8.91
O2 GOL E . 16.91 2.51 -7.65
C3 GOL E . 17.00 4.56 -8.85
O3 GOL E . 17.05 5.21 -10.12
C1 GOL F . -8.56 -2.22 10.52
O1 GOL F . -7.17 -2.05 10.17
C2 GOL F . -9.42 -1.04 10.09
O2 GOL F . -9.54 -1.00 8.66
C3 GOL F . -10.84 -1.20 10.63
O3 GOL F . -11.69 -0.15 10.14
C1 GOL G . 6.70 11.56 -8.38
O1 GOL G . 7.75 12.52 -8.33
C2 GOL G . 7.10 10.57 -9.45
O2 GOL G . 7.18 11.25 -10.71
C3 GOL G . 6.07 9.47 -9.56
O3 GOL G . 6.37 8.72 -10.74
C1 GOL H . -6.82 17.70 -10.31
O1 GOL H . -7.83 16.83 -10.79
C2 GOL H . -5.98 17.15 -9.18
O2 GOL H . -5.58 18.25 -8.35
C3 GOL H . -4.73 16.56 -9.77
O3 GOL H . -5.13 15.41 -10.51
C1 GOL I . 14.91 -2.75 7.37
O1 GOL I . 13.89 -3.29 8.20
C2 GOL I . 14.32 -2.19 6.05
O2 GOL I . 13.36 -1.18 6.33
C3 GOL I . 15.40 -1.58 5.17
O3 GOL I . 16.36 -2.50 4.77
C1 GOL J . 13.11 2.09 13.66
O1 GOL J . 14.31 1.75 12.94
C2 GOL J . 12.14 2.70 12.68
O2 GOL J . 11.11 3.43 13.36
C3 GOL J . 11.51 1.60 11.82
O3 GOL J . 12.40 1.13 10.79
C1 GOL K . 14.18 -1.05 -17.50
O1 GOL K . 14.08 -2.28 -16.76
C2 GOL K . 13.70 0.12 -16.65
O2 GOL K . 12.27 -0.02 -16.35
C3 GOL K . 14.07 1.52 -17.23
O3 GOL K . 13.53 1.92 -18.52
CA CA L . -8.04 0.57 5.48
CA CA M . -14.01 0.30 4.65
CA CA N . -11.58 -0.05 7.61
C1 EDO O . 9.73 7.63 -14.75
O1 EDO O . 9.62 7.47 -16.17
C2 EDO O . 9.67 9.10 -14.38
O2 EDO O . 9.47 9.28 -12.97
C1 EDO P . 15.84 6.79 8.18
O1 EDO P . 16.66 5.82 8.82
C2 EDO P . 15.91 8.17 8.82
O2 EDO P . 14.80 8.49 9.67
C1 EDO Q . 12.42 9.31 7.84
O1 EDO Q . 12.79 7.93 7.83
C2 EDO Q . 11.79 9.72 9.18
O2 EDO Q . 10.55 9.05 9.44
CL CL R . -9.90 -1.54 14.09
#